data_5Z9P
#
_entry.id   5Z9P
#
_cell.length_a   143.103
_cell.length_b   55.660
_cell.length_c   51.055
_cell.angle_alpha   90.00
_cell.angle_beta   100.27
_cell.angle_gamma   90.00
#
_symmetry.space_group_name_H-M   'C 1 2 1'
#
loop_
_entity.id
_entity.type
_entity.pdbx_description
1 polymer 'DNA gyrase subunit B'
2 non-polymer 1H-benzimidazol-2-amine
3 non-polymer 'MAGNESIUM ION'
4 water water
#
_entity_poly.entity_id   1
_entity_poly.type   'polypeptide(L)'
_entity_poly.pdbx_seq_one_letter_code
;YGAGQIQVLEGLEAVRKRPGMYIGSTSERGLHHLVWEIVDNSIDEALAGYANQIEVVIEKDNWIKVTDNGRGIPVDIQEK
MGRPAVEVILTSSVVNALSQDLEVYVHRNETIYHQAYKKGVPQFDLKEVGTTDKTGTVIRFKADGEIFTETTVYNYETLQ
QRIRELAFLNKGIQITLRDERDEENVREDSYHYEGGI
;
_entity_poly.pdbx_strand_id   A,B
#
loop_
_chem_comp.id
_chem_comp.type
_chem_comp.name
_chem_comp.formula
AX7 non-polymer 1H-benzimidazol-2-amine 'C7 H7 N3'
MG non-polymer 'MAGNESIUM ION' 'Mg 2'
#
# COMPACT_ATOMS: atom_id res chain seq x y z
N GLN A 7 -23.45 -4.36 -13.70
CA GLN A 7 -22.40 -4.96 -12.81
C GLN A 7 -20.98 -4.89 -13.40
N VAL A 8 -20.03 -4.76 -12.47
CA VAL A 8 -18.68 -4.37 -12.84
C VAL A 8 -17.98 -5.57 -13.46
N LEU A 9 -18.19 -6.75 -12.90
CA LEU A 9 -17.56 -7.96 -13.42
C LEU A 9 -18.00 -8.27 -14.86
N GLU A 10 -19.29 -8.11 -15.16
CA GLU A 10 -19.78 -8.27 -16.54
C GLU A 10 -19.16 -7.23 -17.48
N GLY A 11 -18.97 -6.01 -16.99
CA GLY A 11 -18.34 -4.94 -17.77
C GLY A 11 -16.89 -5.27 -18.11
N LEU A 12 -16.14 -5.77 -17.13
CA LEU A 12 -14.75 -6.18 -17.36
C LEU A 12 -14.66 -7.29 -18.40
N GLU A 13 -15.55 -8.28 -18.28
CA GLU A 13 -15.60 -9.36 -19.27
C GLU A 13 -15.83 -8.81 -20.69
N ALA A 14 -16.76 -7.88 -20.83
CA ALA A 14 -17.11 -7.32 -22.13
C ALA A 14 -15.94 -6.53 -22.75
N VAL A 15 -15.24 -5.75 -21.93
CA VAL A 15 -14.10 -4.98 -22.42
C VAL A 15 -12.97 -5.91 -22.89
N ARG A 16 -12.68 -6.93 -22.11
CA ARG A 16 -11.60 -7.84 -22.44
C ARG A 16 -11.91 -8.79 -23.60
N LYS A 17 -13.19 -8.99 -23.88
CA LYS A 17 -13.61 -9.80 -25.03
C LYS A 17 -13.49 -9.06 -26.36
N ARG A 18 -13.75 -7.75 -26.37
CA ARG A 18 -13.76 -6.95 -27.60
C ARG A 18 -13.03 -5.63 -27.37
N PRO A 19 -11.74 -5.71 -26.98
CA PRO A 19 -11.03 -4.49 -26.60
C PRO A 19 -10.93 -3.44 -27.70
N GLY A 20 -10.76 -3.88 -28.95
CA GLY A 20 -10.73 -2.96 -30.09
C GLY A 20 -11.96 -2.08 -30.28
N MET A 21 -13.12 -2.56 -29.83
CA MET A 21 -14.35 -1.75 -29.90
C MET A 21 -14.35 -0.60 -28.90
N TYR A 22 -13.54 -0.71 -27.84
CA TYR A 22 -13.41 0.34 -26.83
C TYR A 22 -12.27 1.29 -27.15
N ILE A 23 -11.11 0.75 -27.52
CA ILE A 23 -9.90 1.56 -27.70
C ILE A 23 -9.38 1.64 -29.15
N GLY A 24 -10.15 1.14 -30.11
CA GLY A 24 -9.81 1.25 -31.54
C GLY A 24 -9.07 0.06 -32.11
N SER A 25 -8.09 -0.42 -31.37
CA SER A 25 -7.26 -1.54 -31.78
C SER A 25 -6.47 -2.04 -30.59
N THR A 26 -5.81 -3.18 -30.74
CA THR A 26 -4.88 -3.68 -29.74
C THR A 26 -3.44 -3.66 -30.26
N SER A 27 -3.22 -2.89 -31.33
CA SER A 27 -1.90 -2.65 -31.89
C SER A 27 -1.12 -1.65 -31.04
N GLU A 28 0.04 -1.21 -31.52
CA GLU A 28 0.79 -0.16 -30.85
C GLU A 28 -0.03 1.13 -30.67
N ARG A 29 -0.92 1.42 -31.63
CA ARG A 29 -1.82 2.57 -31.51
C ARG A 29 -2.72 2.45 -30.29
N GLY A 30 -3.33 1.27 -30.12
CA GLY A 30 -4.18 1.01 -28.96
C GLY A 30 -3.44 1.04 -27.64
N LEU A 31 -2.21 0.56 -27.63
CA LEU A 31 -1.37 0.63 -26.45
C LEU A 31 -1.19 2.08 -25.98
N HIS A 32 -0.86 2.98 -26.92
CA HIS A 32 -0.68 4.38 -26.57
C HIS A 32 -2.00 5.07 -26.19
N HIS A 33 -3.10 4.59 -26.75
CA HIS A 33 -4.43 5.10 -26.40
C HIS A 33 -4.72 4.95 -24.91
N LEU A 34 -4.18 3.91 -24.27
CA LEU A 34 -4.33 3.76 -22.81
C LEU A 34 -3.83 4.99 -22.06
N VAL A 35 -2.68 5.51 -22.50
CA VAL A 35 -2.10 6.69 -21.87
C VAL A 35 -3.04 7.88 -22.04
N TRP A 36 -3.57 8.04 -23.25
CA TRP A 36 -4.44 9.20 -23.53
C TRP A 36 -5.74 9.16 -22.78
N GLU A 37 -6.27 7.96 -22.53
CA GLU A 37 -7.49 7.85 -21.72
C GLU A 37 -7.27 8.42 -20.32
N ILE A 38 -6.14 8.06 -19.71
CA ILE A 38 -5.80 8.54 -18.37
C ILE A 38 -5.45 10.03 -18.38
N VAL A 39 -4.59 10.45 -19.31
CA VAL A 39 -4.20 11.86 -19.40
C VAL A 39 -5.41 12.76 -19.66
N ASP A 40 -6.34 12.31 -20.50
CA ASP A 40 -7.58 13.09 -20.77
C ASP A 40 -8.36 13.37 -19.49
N ASN A 41 -8.37 12.41 -18.56
CA ASN A 41 -9.07 12.62 -17.30
C ASN A 41 -8.38 13.66 -16.44
N SER A 42 -7.06 13.69 -16.46
CA SER A 42 -6.31 14.74 -15.76
C SER A 42 -6.55 16.11 -16.40
N ILE A 43 -6.59 16.16 -17.72
CA ILE A 43 -6.89 17.40 -18.42
C ILE A 43 -8.30 17.90 -18.08
N ASP A 44 -9.28 17.00 -18.01
CA ASP A 44 -10.64 17.38 -17.63
C ASP A 44 -10.65 18.08 -16.29
N GLU A 45 -9.85 17.58 -15.35
CA GLU A 45 -9.75 18.13 -14.02
C GLU A 45 -9.08 19.53 -14.02
N ALA A 46 -8.09 19.72 -14.89
CA ALA A 46 -7.47 21.03 -15.10
C ALA A 46 -8.45 22.03 -15.71
N LEU A 47 -9.17 21.62 -16.75
CA LEU A 47 -10.14 22.51 -17.40
C LEU A 47 -11.31 22.87 -16.48
N ALA A 48 -11.64 21.99 -15.54
CA ALA A 48 -12.65 22.28 -14.51
C ALA A 48 -12.19 23.30 -13.47
N GLY A 49 -10.89 23.60 -13.43
CA GLY A 49 -10.32 24.62 -12.55
C GLY A 49 -9.57 24.10 -11.34
N TYR A 50 -9.22 22.81 -11.33
CA TYR A 50 -8.71 22.17 -10.11
C TYR A 50 -7.30 21.58 -10.19
N ALA A 51 -6.70 21.60 -11.37
CA ALA A 51 -5.37 21.03 -11.58
C ALA A 51 -4.62 21.90 -12.57
N ASN A 52 -3.29 21.88 -12.47
CA ASN A 52 -2.47 22.53 -13.48
C ASN A 52 -1.15 21.86 -13.81
N GLN A 53 -0.89 20.68 -13.27
CA GLN A 53 0.35 19.97 -13.52
C GLN A 53 0.05 18.50 -13.73
N ILE A 54 0.53 17.96 -14.83
CA ILE A 54 0.33 16.55 -15.17
C ILE A 54 1.69 15.98 -15.51
N GLU A 55 2.02 14.81 -14.97
CA GLU A 55 3.33 14.18 -15.23
C GLU A 55 3.09 12.78 -15.73
N VAL A 56 3.68 12.45 -16.87
CA VAL A 56 3.63 11.11 -17.43
C VAL A 56 5.02 10.51 -17.39
N VAL A 57 5.15 9.37 -16.72
CA VAL A 57 6.45 8.68 -16.63
C VAL A 57 6.36 7.30 -17.26
N ILE A 58 7.29 7.00 -18.17
CA ILE A 58 7.47 5.64 -18.64
C ILE A 58 8.46 4.99 -17.68
N GLU A 59 7.98 4.09 -16.85
CA GLU A 59 8.78 3.45 -15.82
C GLU A 59 9.37 2.14 -16.33
N LYS A 60 10.31 1.61 -15.56
CA LYS A 60 10.90 0.30 -15.82
C LYS A 60 9.84 -0.74 -16.19
N ASP A 61 10.16 -1.58 -17.18
N ASP A 61 10.17 -1.57 -17.19
CA ASP A 61 9.26 -2.62 -17.69
CA ASP A 61 9.29 -2.61 -17.74
C ASP A 61 7.99 -2.08 -18.35
C ASP A 61 7.99 -2.07 -18.35
N ASN A 62 8.02 -0.83 -18.81
CA ASN A 62 6.88 -0.21 -19.51
C ASN A 62 5.59 -0.15 -18.69
N TRP A 63 5.75 0.12 -17.40
CA TRP A 63 4.68 0.70 -16.60
C TRP A 63 4.57 2.16 -17.04
N ILE A 64 3.35 2.69 -16.94
CA ILE A 64 3.10 4.12 -17.13
C ILE A 64 2.59 4.67 -15.81
N LYS A 65 3.14 5.79 -15.36
CA LYS A 65 2.63 6.51 -14.21
C LYS A 65 2.15 7.88 -14.66
N VAL A 66 0.91 8.22 -14.33
CA VAL A 66 0.34 9.55 -14.58
C VAL A 66 -0.02 10.17 -13.24
N THR A 67 0.52 11.36 -12.98
CA THR A 67 0.22 12.10 -11.76
C THR A 67 -0.41 13.43 -12.14
N ASP A 68 -1.45 13.84 -11.39
CA ASP A 68 -1.98 15.19 -11.50
C ASP A 68 -2.16 15.77 -10.11
N ASN A 69 -2.29 17.10 -10.07
CA ASN A 69 -2.53 17.82 -8.83
C ASN A 69 -3.96 18.35 -8.76
N GLY A 70 -4.92 17.55 -9.22
CA GLY A 70 -6.33 17.85 -9.04
C GLY A 70 -6.83 17.63 -7.64
N ARG A 71 -8.14 17.40 -7.52
CA ARG A 71 -8.78 17.24 -6.21
C ARG A 71 -8.56 15.87 -5.59
N GLY A 72 -8.06 14.91 -6.38
CA GLY A 72 -8.05 13.50 -5.97
C GLY A 72 -9.36 12.87 -6.32
N ILE A 73 -9.33 11.67 -6.88
CA ILE A 73 -10.55 10.94 -7.18
C ILE A 73 -11.28 10.72 -5.85
N PRO A 74 -12.60 11.04 -5.78
CA PRO A 74 -13.26 10.89 -4.49
C PRO A 74 -13.23 9.46 -3.93
N VAL A 75 -13.21 9.36 -2.60
CA VAL A 75 -13.11 8.08 -1.91
C VAL A 75 -14.33 7.78 -1.01
N ASP A 76 -15.33 8.66 -1.04
CA ASP A 76 -16.51 8.50 -0.19
C ASP A 76 -17.33 7.28 -0.62
N ILE A 77 -17.98 6.65 0.36
CA ILE A 77 -18.76 5.45 0.14
C ILE A 77 -20.04 5.82 -0.59
N GLN A 78 -20.17 5.25 -1.78
CA GLN A 78 -21.13 5.67 -2.77
C GLN A 78 -22.49 5.03 -2.51
N GLU A 79 -23.55 5.70 -2.99
CA GLU A 79 -24.91 5.18 -2.82
C GLU A 79 -25.19 3.92 -3.65
N LYS A 80 -24.89 3.98 -4.94
CA LYS A 80 -25.15 2.85 -5.85
C LYS A 80 -24.46 1.56 -5.39
N MET A 81 -23.12 1.58 -5.38
CA MET A 81 -22.34 0.36 -5.13
C MET A 81 -22.11 0.03 -3.66
N GLY A 82 -22.21 1.02 -2.77
CA GLY A 82 -21.80 0.83 -1.38
C GLY A 82 -20.29 0.62 -1.26
N ARG A 83 -19.56 1.14 -2.25
CA ARG A 83 -18.11 1.01 -2.35
C ARG A 83 -17.54 2.42 -2.49
N PRO A 84 -16.25 2.60 -2.17
CA PRO A 84 -15.63 3.90 -2.39
C PRO A 84 -15.74 4.34 -3.85
N ALA A 85 -16.01 5.63 -4.06
CA ALA A 85 -16.22 6.15 -5.43
C ALA A 85 -15.03 5.84 -6.34
N VAL A 86 -13.81 5.98 -5.84
CA VAL A 86 -12.62 5.67 -6.64
C VAL A 86 -12.62 4.24 -7.16
N GLU A 87 -13.04 3.29 -6.33
CA GLU A 87 -13.12 1.90 -6.77
C GLU A 87 -14.12 1.73 -7.90
N VAL A 88 -15.28 2.36 -7.77
CA VAL A 88 -16.32 2.27 -8.81
C VAL A 88 -15.82 2.86 -10.12
N ILE A 89 -15.20 4.04 -10.04
CA ILE A 89 -14.68 4.74 -11.20
C ILE A 89 -13.61 3.90 -11.89
N LEU A 90 -12.67 3.35 -11.13
CA LEU A 90 -11.58 2.60 -11.75
C LEU A 90 -11.97 1.19 -12.18
N THR A 91 -12.92 0.54 -11.52
CA THR A 91 -13.34 -0.80 -11.97
C THR A 91 -14.20 -0.72 -13.20
N SER A 92 -14.68 0.58 -13.67
CA SER A 92 -15.33 0.77 -14.96
C SER A 92 -14.40 1.37 -15.98
N SER A 93 -13.12 1.50 -15.66
CA SER A 93 -12.15 2.06 -16.59
C SER A 93 -11.64 1.01 -17.58
N VAL A 94 -11.69 1.34 -18.86
N VAL A 94 -11.70 1.34 -18.87
CA VAL A 94 -11.16 0.45 -19.89
CA VAL A 94 -11.13 0.47 -19.90
C VAL A 94 -9.65 0.23 -19.69
C VAL A 94 -9.63 0.24 -19.73
N VAL A 95 -8.93 1.24 -19.19
CA VAL A 95 -7.48 1.11 -18.98
C VAL A 95 -7.21 0.06 -17.92
N ASN A 96 -8.00 0.08 -16.85
CA ASN A 96 -7.88 -0.91 -15.79
C ASN A 96 -8.17 -2.32 -16.30
N ALA A 97 -9.29 -2.47 -17.02
CA ALA A 97 -9.66 -3.77 -17.61
C ALA A 97 -8.58 -4.36 -18.50
N LEU A 98 -7.87 -3.51 -19.22
CA LEU A 98 -6.86 -3.95 -20.20
C LEU A 98 -5.42 -3.86 -19.68
N SER A 99 -5.28 -3.73 -18.36
CA SER A 99 -3.97 -3.69 -17.71
C SER A 99 -3.83 -4.95 -16.88
N GLN A 100 -2.68 -5.61 -16.97
CA GLN A 100 -2.40 -6.74 -16.08
C GLN A 100 -2.35 -6.30 -14.62
N ASP A 101 -1.89 -5.08 -14.38
CA ASP A 101 -1.84 -4.49 -13.04
C ASP A 101 -2.11 -2.99 -13.14
N LEU A 102 -2.84 -2.45 -12.17
CA LEU A 102 -3.03 -1.01 -12.06
C LEU A 102 -3.07 -0.64 -10.59
N GLU A 103 -2.47 0.50 -10.27
CA GLU A 103 -2.47 1.00 -8.90
C GLU A 103 -2.94 2.45 -8.90
N VAL A 104 -3.66 2.84 -7.85
CA VAL A 104 -4.03 4.23 -7.65
C VAL A 104 -3.56 4.69 -6.28
N TYR A 105 -3.04 5.92 -6.21
CA TYR A 105 -2.85 6.63 -4.95
C TYR A 105 -3.62 7.92 -5.04
N VAL A 106 -4.59 8.12 -4.15
CA VAL A 106 -5.35 9.38 -4.07
C VAL A 106 -4.84 10.19 -2.89
N HIS A 107 -4.49 11.45 -3.14
CA HIS A 107 -4.18 12.42 -2.10
C HIS A 107 -5.42 13.29 -1.92
N ARG A 108 -6.09 13.16 -0.78
CA ARG A 108 -7.36 13.86 -0.55
C ARG A 108 -7.68 13.75 0.94
N ASN A 109 -8.34 14.76 1.51
CA ASN A 109 -8.66 14.76 2.94
C ASN A 109 -7.41 14.61 3.82
N GLU A 110 -6.29 15.17 3.36
CA GLU A 110 -4.99 15.09 4.03
C GLU A 110 -4.51 13.65 4.27
N THR A 111 -4.96 12.75 3.41
CA THR A 111 -4.73 11.32 3.55
C THR A 111 -4.32 10.76 2.18
N ILE A 112 -3.50 9.72 2.18
CA ILE A 112 -3.15 8.99 0.97
C ILE A 112 -3.88 7.66 1.01
N TYR A 113 -4.70 7.40 -0.01
CA TYR A 113 -5.46 6.16 -0.14
C TYR A 113 -4.89 5.37 -1.30
N HIS A 114 -4.84 4.05 -1.15
CA HIS A 114 -4.26 3.16 -2.15
C HIS A 114 -5.16 1.99 -2.44
N GLN A 115 -5.27 1.65 -3.72
CA GLN A 115 -5.90 0.40 -4.15
C GLN A 115 -5.15 -0.13 -5.37
N ALA A 116 -5.08 -1.45 -5.49
CA ALA A 116 -4.47 -2.11 -6.64
C ALA A 116 -5.47 -3.08 -7.26
N TYR A 117 -5.29 -3.32 -8.55
CA TYR A 117 -6.19 -4.11 -9.38
C TYR A 117 -5.38 -4.98 -10.33
N LYS A 118 -5.99 -6.08 -10.78
CA LYS A 118 -5.43 -6.91 -11.85
C LYS A 118 -6.53 -7.19 -12.85
N LYS A 119 -6.33 -6.79 -14.11
CA LYS A 119 -7.37 -6.90 -15.14
C LYS A 119 -8.69 -6.30 -14.68
N GLY A 120 -8.64 -5.21 -13.93
CA GLY A 120 -9.82 -4.54 -13.42
C GLY A 120 -10.33 -4.99 -12.06
N VAL A 121 -9.86 -6.14 -11.56
CA VAL A 121 -10.37 -6.73 -10.32
C VAL A 121 -9.59 -6.16 -9.14
N PRO A 122 -10.29 -5.50 -8.18
CA PRO A 122 -9.58 -5.02 -6.99
C PRO A 122 -8.95 -6.14 -6.20
N GLN A 123 -7.70 -5.95 -5.80
CA GLN A 123 -6.95 -6.98 -5.07
C GLN A 123 -7.12 -6.87 -3.57
N PHE A 124 -7.60 -5.73 -3.11
CA PHE A 124 -7.88 -5.49 -1.70
C PHE A 124 -8.73 -4.22 -1.60
N ASP A 125 -9.37 -4.00 -0.46
CA ASP A 125 -10.18 -2.80 -0.26
C ASP A 125 -9.30 -1.56 -0.20
N LEU A 126 -9.83 -0.43 -0.64
CA LEU A 126 -9.14 0.85 -0.54
C LEU A 126 -8.58 1.02 0.87
N LYS A 127 -7.31 1.38 0.97
CA LYS A 127 -6.67 1.49 2.27
C LYS A 127 -5.92 2.81 2.43
N GLU A 128 -5.97 3.34 3.64
CA GLU A 128 -5.21 4.51 4.00
C GLU A 128 -3.77 4.07 4.24
N VAL A 129 -2.83 4.70 3.56
CA VAL A 129 -1.41 4.34 3.67
C VAL A 129 -0.51 5.47 4.21
N GLY A 130 -1.03 6.69 4.28
CA GLY A 130 -0.21 7.81 4.71
C GLY A 130 -0.97 9.10 4.78
N THR A 131 -0.24 10.20 4.98
CA THR A 131 -0.83 11.52 5.08
C THR A 131 -0.19 12.41 4.03
N THR A 132 -0.85 13.54 3.81
CA THR A 132 -0.41 14.45 2.77
C THR A 132 -0.95 15.84 3.04
N ASP A 133 -0.25 16.85 2.49
CA ASP A 133 -0.71 18.23 2.52
C ASP A 133 -1.08 18.74 1.12
N LYS A 134 -1.20 17.82 0.17
CA LYS A 134 -1.59 18.15 -1.21
C LYS A 134 -2.78 17.32 -1.60
N THR A 135 -3.40 17.69 -2.71
CA THR A 135 -4.40 16.85 -3.34
C THR A 135 -3.97 16.48 -4.74
N GLY A 136 -4.49 15.34 -5.21
CA GLY A 136 -4.21 14.87 -6.57
C GLY A 136 -4.33 13.38 -6.66
N THR A 137 -4.03 12.85 -7.85
CA THR A 137 -4.18 11.43 -8.14
C THR A 137 -2.95 10.91 -8.86
N VAL A 138 -2.49 9.74 -8.45
CA VAL A 138 -1.43 9.00 -9.14
C VAL A 138 -2.07 7.71 -9.63
N ILE A 139 -1.91 7.42 -10.93
CA ILE A 139 -2.31 6.14 -11.52
C ILE A 139 -1.08 5.51 -12.15
N ARG A 140 -0.79 4.26 -11.81
CA ARG A 140 0.30 3.49 -12.42
C ARG A 140 -0.32 2.25 -13.04
N PHE A 141 0.02 1.93 -14.29
CA PHE A 141 -0.55 0.73 -14.93
C PHE A 141 0.44 0.03 -15.84
N LYS A 142 0.29 -1.29 -15.93
CA LYS A 142 1.06 -2.11 -16.86
C LYS A 142 0.09 -2.78 -17.81
N ALA A 143 0.20 -2.41 -19.09
CA ALA A 143 -0.67 -2.95 -20.15
C ALA A 143 -0.61 -4.47 -20.18
N ASP A 144 -1.75 -5.09 -20.46
CA ASP A 144 -1.85 -6.54 -20.47
C ASP A 144 -1.36 -7.09 -21.81
N GLY A 145 -0.23 -7.82 -21.77
CA GLY A 145 0.29 -8.50 -22.96
C GLY A 145 -0.63 -9.54 -23.58
N GLU A 146 -1.60 -10.05 -22.81
CA GLU A 146 -2.65 -10.92 -23.38
C GLU A 146 -3.55 -10.18 -24.36
N ILE A 147 -3.70 -8.88 -24.15
CA ILE A 147 -4.53 -8.02 -25.01
C ILE A 147 -3.66 -7.38 -26.11
N PHE A 148 -2.55 -6.78 -25.70
CA PHE A 148 -1.67 -6.06 -26.62
C PHE A 148 -0.59 -7.00 -27.10
N THR A 149 -0.94 -7.81 -28.09
CA THR A 149 -0.13 -8.94 -28.51
C THR A 149 0.98 -8.58 -29.50
N GLU A 150 0.89 -7.40 -30.13
CA GLU A 150 1.95 -6.94 -31.05
C GLU A 150 3.13 -6.37 -30.24
N THR A 151 2.83 -5.39 -29.40
CA THR A 151 3.86 -4.76 -28.56
C THR A 151 3.27 -4.13 -27.30
N THR A 152 4.06 -4.17 -26.23
CA THR A 152 3.76 -3.48 -24.98
C THR A 152 4.81 -2.40 -24.66
N VAL A 153 5.64 -2.05 -25.65
CA VAL A 153 6.72 -1.06 -25.47
C VAL A 153 6.27 0.27 -26.02
N TYR A 154 6.33 1.30 -25.17
CA TYR A 154 5.94 2.64 -25.56
C TYR A 154 7.04 3.30 -26.39
N ASN A 155 6.61 4.12 -27.33
CA ASN A 155 7.45 4.96 -28.15
C ASN A 155 7.49 6.39 -27.54
N TYR A 156 8.66 6.81 -27.08
CA TYR A 156 8.81 8.13 -26.46
C TYR A 156 8.36 9.26 -27.37
N GLU A 157 8.77 9.21 -28.63
CA GLU A 157 8.41 10.25 -29.59
C GLU A 157 6.91 10.35 -29.84
N THR A 158 6.22 9.20 -29.86
CA THR A 158 4.77 9.17 -30.00
C THR A 158 4.11 9.85 -28.80
N LEU A 159 4.55 9.52 -27.59
CA LEU A 159 4.02 10.17 -26.39
C LEU A 159 4.36 11.66 -26.36
N GLN A 160 5.60 12.00 -26.69
CA GLN A 160 6.06 13.38 -26.72
C GLN A 160 5.25 14.24 -27.66
N GLN A 161 4.99 13.74 -28.86
CA GLN A 161 4.31 14.55 -29.87
C GLN A 161 2.91 14.93 -29.39
N ARG A 162 2.18 13.98 -28.84
CA ARG A 162 0.81 14.26 -28.39
C ARG A 162 0.80 15.06 -27.08
N ILE A 163 1.73 14.79 -26.17
CA ILE A 163 1.86 15.61 -24.94
C ILE A 163 2.13 17.08 -25.24
N ARG A 164 3.08 17.34 -26.14
CA ARG A 164 3.35 18.72 -26.58
C ARG A 164 2.09 19.36 -27.15
N GLU A 165 1.39 18.63 -28.01
CA GLU A 165 0.15 19.13 -28.59
C GLU A 165 -0.91 19.43 -27.53
N LEU A 166 -1.08 18.52 -26.58
CA LEU A 166 -2.03 18.74 -25.49
C LEU A 166 -1.71 19.99 -24.67
N ALA A 167 -0.44 20.23 -24.39
CA ALA A 167 -0.02 21.46 -23.70
C ALA A 167 -0.31 22.72 -24.54
N PHE A 168 -0.03 22.65 -25.84
CA PHE A 168 -0.31 23.78 -26.72
C PHE A 168 -1.82 24.07 -26.81
N LEU A 169 -2.64 23.03 -26.84
CA LEU A 169 -4.09 23.19 -26.94
C LEU A 169 -4.73 23.64 -25.64
N ASN A 170 -4.16 23.23 -24.52
CA ASN A 170 -4.69 23.59 -23.21
C ASN A 170 -3.67 24.47 -22.49
N LYS A 171 -3.61 25.75 -22.87
CA LYS A 171 -2.56 26.59 -22.34
C LYS A 171 -2.71 26.76 -20.82
N GLY A 172 -1.58 26.85 -20.16
CA GLY A 172 -1.53 26.98 -18.70
C GLY A 172 -1.31 25.68 -17.95
N ILE A 173 -1.53 24.54 -18.59
CA ILE A 173 -1.27 23.26 -17.96
C ILE A 173 0.18 22.88 -18.23
N GLN A 174 0.91 22.59 -17.17
CA GLN A 174 2.27 22.06 -17.32
C GLN A 174 2.15 20.56 -17.48
N ILE A 175 2.64 20.03 -18.60
CA ILE A 175 2.62 18.58 -18.84
C ILE A 175 4.05 18.13 -19.09
N THR A 176 4.48 17.16 -18.28
CA THR A 176 5.86 16.65 -18.34
C THR A 176 5.85 15.18 -18.75
N LEU A 177 6.83 14.80 -19.58
CA LEU A 177 7.06 13.41 -19.98
C LEU A 177 8.45 13.02 -19.54
N ARG A 178 8.60 11.84 -18.94
CA ARG A 178 9.90 11.36 -18.47
C ARG A 178 10.01 9.88 -18.83
N ASP A 179 11.17 9.49 -19.36
CA ASP A 179 11.47 8.09 -19.64
C ASP A 179 12.53 7.59 -18.67
N GLU A 180 12.11 6.74 -17.74
CA GLU A 180 13.01 6.15 -16.73
C GLU A 180 13.36 4.70 -17.02
N ARG A 181 13.05 4.20 -18.22
CA ARG A 181 13.25 2.77 -18.51
C ARG A 181 14.73 2.36 -18.41
N ASP A 182 15.61 3.27 -18.81
CA ASP A 182 17.06 3.12 -18.63
C ASP A 182 17.50 4.13 -17.60
N GLU A 183 17.76 3.65 -16.38
CA GLU A 183 18.19 4.50 -15.26
C GLU A 183 19.50 5.26 -15.51
N GLU A 184 20.33 4.75 -16.41
CA GLU A 184 21.59 5.42 -16.76
C GLU A 184 21.42 6.58 -17.73
N ASN A 185 20.26 6.69 -18.37
CA ASN A 185 20.03 7.67 -19.41
C ASN A 185 18.55 8.07 -19.43
N VAL A 186 18.22 9.05 -18.60
CA VAL A 186 16.83 9.46 -18.37
C VAL A 186 16.55 10.73 -19.17
N ARG A 187 15.45 10.70 -19.92
CA ARG A 187 15.03 11.78 -20.78
C ARG A 187 13.80 12.42 -20.16
N GLU A 188 13.71 13.76 -20.19
CA GLU A 188 12.52 14.48 -19.73
C GLU A 188 12.24 15.66 -20.62
N ASP A 189 10.97 15.85 -21.00
CA ASP A 189 10.52 17.03 -21.73
C ASP A 189 9.35 17.62 -20.97
N SER A 190 9.37 18.94 -20.82
CA SER A 190 8.32 19.62 -20.05
C SER A 190 7.74 20.78 -20.81
N TYR A 191 6.41 20.76 -20.92
CA TYR A 191 5.68 21.69 -21.79
C TYR A 191 4.77 22.54 -20.94
N HIS A 192 4.72 23.83 -21.23
CA HIS A 192 3.92 24.76 -20.45
C HIS A 192 3.71 25.99 -21.27
N TYR A 193 2.58 26.07 -21.96
CA TYR A 193 2.33 27.17 -22.89
C TYR A 193 1.68 28.35 -22.17
N GLU A 194 2.11 29.55 -22.52
CA GLU A 194 1.56 30.79 -21.95
C GLU A 194 1.13 31.73 -23.06
N LEU B 9 -10.28 -21.27 18.01
CA LEU B 9 -9.27 -22.35 17.76
C LEU B 9 -9.31 -22.89 16.34
N GLU B 10 -10.52 -23.14 15.83
CA GLU B 10 -10.72 -23.58 14.44
C GLU B 10 -10.23 -22.55 13.43
N GLY B 11 -10.44 -21.27 13.74
CA GLY B 11 -9.95 -20.17 12.92
C GLY B 11 -8.44 -20.13 12.79
N LEU B 12 -7.76 -20.37 13.90
CA LEU B 12 -6.30 -20.44 13.93
C LEU B 12 -5.76 -21.59 13.11
N GLU B 13 -6.37 -22.76 13.26
CA GLU B 13 -5.98 -23.95 12.50
C GLU B 13 -6.15 -23.71 10.99
N ALA B 14 -7.22 -23.04 10.61
CA ALA B 14 -7.47 -22.70 9.21
C ALA B 14 -6.42 -21.75 8.59
N VAL B 15 -6.06 -20.70 9.32
CA VAL B 15 -5.01 -19.77 8.87
C VAL B 15 -3.67 -20.50 8.68
N ARG B 16 -3.34 -21.37 9.62
CA ARG B 16 -2.09 -22.13 9.58
C ARG B 16 -2.02 -23.16 8.45
N LYS B 17 -3.18 -23.61 7.96
CA LYS B 17 -3.26 -24.50 6.79
C LYS B 17 -3.01 -23.77 5.47
N ARG B 18 -3.41 -22.49 5.38
CA ARG B 18 -3.29 -21.74 4.14
C ARG B 18 -2.64 -20.36 4.38
N PRO B 19 -1.41 -20.35 4.94
CA PRO B 19 -0.76 -19.06 5.26
C PRO B 19 -0.55 -18.15 4.04
N GLY B 20 -0.27 -18.74 2.88
CA GLY B 20 -0.07 -17.99 1.63
C GLY B 20 -1.23 -17.11 1.22
N MET B 21 -2.44 -17.51 1.59
CA MET B 21 -3.63 -16.70 1.29
C MET B 21 -3.64 -15.33 2.01
N TYR B 22 -2.97 -15.23 3.16
CA TYR B 22 -2.94 -13.98 3.95
C TYR B 22 -1.66 -13.16 3.80
N ILE B 23 -0.52 -13.84 3.74
CA ILE B 23 0.78 -13.18 3.67
C ILE B 23 1.55 -13.45 2.37
N GLY B 24 0.88 -14.05 1.38
CA GLY B 24 1.45 -14.27 0.05
C GLY B 24 2.20 -15.58 -0.11
N SER B 25 3.08 -15.87 0.84
CA SER B 25 3.91 -17.07 0.79
C SER B 25 4.47 -17.38 2.17
N THR B 26 5.13 -18.52 2.28
CA THR B 26 5.86 -18.88 3.49
C THR B 26 7.37 -18.75 3.32
N SER B 27 7.80 -18.11 2.24
CA SER B 27 9.21 -17.86 1.95
C SER B 27 9.68 -16.64 2.74
N GLU B 28 10.90 -16.19 2.47
CA GLU B 28 11.46 -14.99 3.12
C GLU B 28 10.55 -13.76 2.98
N ARG B 29 9.90 -13.61 1.83
CA ARG B 29 8.97 -12.51 1.59
C ARG B 29 7.80 -12.55 2.56
N GLY B 30 7.24 -13.74 2.77
CA GLY B 30 6.17 -13.94 3.73
C GLY B 30 6.58 -13.67 5.17
N LEU B 31 7.79 -14.11 5.53
CA LEU B 31 8.34 -13.84 6.87
C LEU B 31 8.33 -12.35 7.15
N HIS B 32 8.85 -11.56 6.22
CA HIS B 32 8.87 -10.11 6.40
C HIS B 32 7.50 -9.46 6.39
N HIS B 33 6.55 -10.08 5.69
CA HIS B 33 5.17 -9.59 5.67
C HIS B 33 4.52 -9.66 7.05
N LEU B 34 4.97 -10.57 7.91
CA LEU B 34 4.48 -10.58 9.31
C LEU B 34 4.77 -9.24 9.99
N VAL B 35 5.96 -8.71 9.75
CA VAL B 35 6.34 -7.41 10.32
C VAL B 35 5.41 -6.32 9.79
N TRP B 36 5.12 -6.34 8.49
CA TRP B 36 4.28 -5.28 7.90
C TRP B 36 2.86 -5.31 8.37
N GLU B 37 2.32 -6.50 8.65
CA GLU B 37 0.98 -6.62 9.23
C GLU B 37 0.92 -5.93 10.59
N ILE B 38 1.90 -6.19 11.44
CA ILE B 38 1.91 -5.59 12.77
C ILE B 38 2.18 -4.08 12.67
N VAL B 39 3.17 -3.68 11.89
CA VAL B 39 3.47 -2.24 11.71
C VAL B 39 2.27 -1.48 11.11
N ASP B 40 1.56 -2.09 10.17
CA ASP B 40 0.38 -1.47 9.57
C ASP B 40 -0.65 -1.09 10.63
N ASN B 41 -0.79 -1.89 11.66
CA ASN B 41 -1.71 -1.54 12.72
C ASN B 41 -1.25 -0.35 13.53
N SER B 42 0.06 -0.25 13.77
CA SER B 42 0.60 0.96 14.38
C SER B 42 0.44 2.19 13.49
N ILE B 43 0.62 2.01 12.18
CA ILE B 43 0.41 3.11 11.22
C ILE B 43 -1.07 3.57 11.25
N ASP B 44 -2.01 2.63 11.35
CA ASP B 44 -3.43 3.00 11.50
C ASP B 44 -3.66 3.86 12.75
N GLU B 45 -2.94 3.54 13.83
CA GLU B 45 -3.06 4.31 15.05
C GLU B 45 -2.43 5.72 14.93
N ALA B 46 -1.39 5.84 14.10
CA ALA B 46 -0.84 7.16 13.74
C ALA B 46 -1.83 7.94 12.87
N LEU B 47 -2.42 7.27 11.86
CA LEU B 47 -3.41 7.91 11.00
C LEU B 47 -4.65 8.37 11.76
N ALA B 48 -5.01 7.64 12.83
CA ALA B 48 -6.12 8.01 13.71
C ALA B 48 -5.80 9.22 14.59
N GLY B 49 -4.54 9.63 14.66
CA GLY B 49 -4.09 10.83 15.37
C GLY B 49 -3.56 10.59 16.76
N TYR B 50 -3.33 9.33 17.14
CA TYR B 50 -2.94 8.99 18.52
C TYR B 50 -1.50 8.58 18.71
N ALA B 51 -0.88 7.94 17.72
CA ALA B 51 0.53 7.53 17.80
C ALA B 51 1.40 8.45 16.96
N ASN B 52 2.60 8.75 17.46
CA ASN B 52 3.57 9.49 16.66
C ASN B 52 4.97 8.92 16.69
N GLN B 53 5.14 7.77 17.34
CA GLN B 53 6.43 7.11 17.36
C GLN B 53 6.21 5.62 17.26
N ILE B 54 6.92 4.97 16.34
CA ILE B 54 6.81 3.52 16.14
C ILE B 54 8.23 2.98 16.16
N GLU B 55 8.46 1.88 16.87
CA GLU B 55 9.80 1.28 16.96
C GLU B 55 9.70 -0.18 16.60
N VAL B 56 10.55 -0.62 15.68
CA VAL B 56 10.66 -2.02 15.28
C VAL B 56 12.03 -2.53 15.69
N VAL B 57 12.06 -3.62 16.45
CA VAL B 57 13.31 -4.20 16.92
C VAL B 57 13.40 -5.65 16.46
N ILE B 58 14.53 -6.01 15.84
CA ILE B 58 14.86 -7.39 15.57
C ILE B 58 15.63 -7.86 16.80
N GLU B 59 15.01 -8.74 17.58
CA GLU B 59 15.56 -9.18 18.85
C GLU B 59 16.26 -10.53 18.70
N LYS B 60 16.97 -10.93 19.76
CA LYS B 60 17.63 -12.23 19.82
C LYS B 60 16.68 -13.34 19.35
N ASP B 61 17.22 -14.29 18.59
CA ASP B 61 16.46 -15.43 18.06
C ASP B 61 15.36 -15.02 17.08
N ASN B 62 15.53 -13.87 16.44
CA ASN B 62 14.60 -13.37 15.43
C ASN B 62 13.16 -13.26 15.94
N TRP B 63 13.03 -12.83 17.18
CA TRP B 63 11.77 -12.23 17.63
C TRP B 63 11.72 -10.84 17.01
N ILE B 64 10.52 -10.37 16.75
CA ILE B 64 10.26 -8.99 16.31
C ILE B 64 9.46 -8.33 17.39
N LYS B 65 9.85 -7.11 17.76
CA LYS B 65 9.08 -6.29 18.70
C LYS B 65 8.68 -5.00 18.01
N VAL B 66 7.40 -4.67 18.08
CA VAL B 66 6.87 -3.43 17.52
C VAL B 66 6.21 -2.70 18.68
N THR B 67 6.63 -1.45 18.90
CA THR B 67 6.07 -0.59 19.93
C THR B 67 5.50 0.66 19.27
N ASP B 68 4.33 1.08 19.70
CA ASP B 68 3.81 2.41 19.35
C ASP B 68 3.34 3.11 20.61
N ASN B 69 3.19 4.42 20.52
CA ASN B 69 2.73 5.24 21.64
C ASN B 69 1.31 5.75 21.41
N GLY B 70 0.46 4.92 20.80
CA GLY B 70 -0.95 5.24 20.65
C GLY B 70 -1.75 4.99 21.92
N ARG B 71 -3.04 4.71 21.75
CA ARG B 71 -3.95 4.55 22.90
C ARG B 71 -3.78 3.25 23.67
N GLY B 72 -3.16 2.25 23.07
CA GLY B 72 -3.14 0.90 23.61
C GLY B 72 -4.35 0.15 23.09
N ILE B 73 -4.16 -1.11 22.69
CA ILE B 73 -5.27 -1.91 22.22
C ILE B 73 -6.28 -2.01 23.38
N PRO B 74 -7.58 -1.81 23.10
CA PRO B 74 -8.55 -1.86 24.20
C PRO B 74 -8.55 -3.21 24.94
N VAL B 75 -8.86 -3.15 26.23
CA VAL B 75 -8.83 -4.30 27.12
C VAL B 75 -10.18 -4.61 27.76
N ASP B 76 -11.21 -3.84 27.39
CA ASP B 76 -12.53 -4.01 28.00
C ASP B 76 -13.18 -5.36 27.65
N ILE B 77 -13.94 -5.89 28.61
CA ILE B 77 -14.52 -7.23 28.51
C ILE B 77 -15.71 -7.13 27.55
N GLN B 78 -15.69 -7.99 26.54
CA GLN B 78 -16.68 -7.99 25.49
C GLN B 78 -17.89 -8.86 25.86
N GLY B 82 -16.89 -14.17 27.30
CA GLY B 82 -16.72 -12.78 27.72
C GLY B 82 -15.25 -12.43 27.88
N ARG B 83 -14.61 -12.06 26.78
CA ARG B 83 -13.15 -11.92 26.72
C ARG B 83 -12.71 -10.46 26.54
N PRO B 84 -11.50 -10.11 27.01
CA PRO B 84 -11.00 -8.74 26.74
C PRO B 84 -10.84 -8.47 25.25
N ALA B 85 -11.10 -7.24 24.83
CA ALA B 85 -11.02 -6.86 23.42
C ALA B 85 -9.68 -7.22 22.81
N VAL B 86 -8.58 -6.94 23.52
CA VAL B 86 -7.25 -7.30 22.99
C VAL B 86 -7.12 -8.80 22.68
N GLU B 87 -7.71 -9.66 23.51
CA GLU B 87 -7.67 -11.10 23.24
C GLU B 87 -8.46 -11.44 21.99
N VAL B 88 -9.66 -10.88 21.85
CA VAL B 88 -10.50 -11.12 20.69
C VAL B 88 -9.77 -10.69 19.42
N ILE B 89 -9.13 -9.53 19.47
CA ILE B 89 -8.37 -9.01 18.34
C ILE B 89 -7.18 -9.92 18.01
N LEU B 90 -6.37 -10.25 19.01
CA LEU B 90 -5.15 -11.00 18.72
C LEU B 90 -5.37 -12.48 18.42
N THR B 91 -6.44 -13.10 18.92
CA THR B 91 -6.70 -14.49 18.58
C THR B 91 -7.35 -14.61 17.22
N SER B 92 -7.62 -13.36 16.46
CA SER B 92 -8.00 -13.36 15.06
C SER B 92 -6.88 -12.84 14.16
N SER B 93 -5.71 -12.57 14.73
CA SER B 93 -4.56 -12.04 14.01
C SER B 93 -3.83 -13.14 13.27
N VAL B 94 -3.63 -12.95 11.97
CA VAL B 94 -2.85 -13.88 11.16
C VAL B 94 -1.41 -14.02 11.68
N VAL B 95 -0.81 -12.91 12.10
CA VAL B 95 0.57 -12.97 12.61
C VAL B 95 0.64 -13.86 13.86
N ASN B 96 -0.35 -13.72 14.74
CA ASN B 96 -0.41 -14.56 15.93
C ASN B 96 -0.54 -16.06 15.60
N ALA B 97 -1.47 -16.39 14.70
CA ALA B 97 -1.64 -17.76 14.22
C ALA B 97 -0.35 -18.37 13.65
N LEU B 98 0.44 -17.54 12.95
CA LEU B 98 1.64 -18.00 12.27
C LEU B 98 2.93 -17.82 13.09
N SER B 99 2.77 -17.53 14.39
CA SER B 99 3.90 -17.33 15.31
C SER B 99 3.91 -18.44 16.34
N GLN B 100 5.07 -19.04 16.58
CA GLN B 100 5.19 -20.02 17.66
C GLN B 100 4.90 -19.40 19.02
N ASP B 101 5.26 -18.13 19.19
CA ASP B 101 4.99 -17.36 20.41
C ASP B 101 4.69 -15.92 20.03
N LEU B 102 3.74 -15.33 20.74
CA LEU B 102 3.46 -13.90 20.63
C LEU B 102 3.11 -13.37 22.01
N GLU B 103 3.59 -12.17 22.32
CA GLU B 103 3.31 -11.48 23.57
C GLU B 103 2.80 -10.08 23.27
N VAL B 104 1.86 -9.62 24.10
CA VAL B 104 1.38 -8.24 24.05
C VAL B 104 1.54 -7.61 25.43
N TYR B 105 1.97 -6.36 25.44
CA TYR B 105 1.89 -5.49 26.62
C TYR B 105 1.16 -4.22 26.21
N VAL B 106 0.02 -3.97 26.85
CA VAL B 106 -0.78 -2.77 26.59
C VAL B 106 -0.59 -1.79 27.74
N HIS B 107 -0.21 -0.56 27.41
CA HIS B 107 -0.15 0.53 28.38
C HIS B 107 -1.41 1.35 28.18
N ARG B 108 -2.33 1.28 29.14
CA ARG B 108 -3.65 1.90 29.04
C ARG B 108 -4.26 1.94 30.44
N ASN B 109 -5.12 2.93 30.71
CA ASN B 109 -5.74 3.06 32.04
C ASN B 109 -4.70 3.07 33.18
N GLU B 110 -3.53 3.67 32.93
CA GLU B 110 -2.43 3.75 33.90
C GLU B 110 -1.92 2.36 34.36
N THR B 111 -2.12 1.37 33.49
CA THR B 111 -1.88 -0.03 33.82
C THR B 111 -1.15 -0.69 32.65
N ILE B 112 -0.31 -1.68 32.96
CA ILE B 112 0.34 -2.49 31.94
C ILE B 112 -0.37 -3.83 31.97
N TYR B 113 -1.00 -4.19 30.85
CA TYR B 113 -1.69 -5.48 30.72
C TYR B 113 -0.88 -6.39 29.84
N HIS B 114 -0.83 -7.68 30.17
CA HIS B 114 0.00 -8.65 29.45
C HIS B 114 -0.76 -9.94 29.15
N GLN B 115 -0.58 -10.44 27.93
CA GLN B 115 -1.05 -11.76 27.55
C GLN B 115 -0.02 -12.36 26.60
N ALA B 116 0.10 -13.68 26.64
CA ALA B 116 0.98 -14.43 25.74
C ALA B 116 0.18 -15.52 25.07
N TYR B 117 0.64 -15.89 23.87
CA TYR B 117 -0.03 -16.86 23.02
C TYR B 117 1.00 -17.79 22.39
N LYS B 118 0.55 -18.97 21.98
CA LYS B 118 1.35 -19.90 21.19
C LYS B 118 0.51 -20.38 20.02
N LYS B 119 0.98 -20.15 18.79
CA LYS B 119 0.22 -20.44 17.58
C LYS B 119 -1.19 -19.84 17.63
N GLY B 120 -1.30 -18.65 18.23
CA GLY B 120 -2.56 -17.97 18.40
C GLY B 120 -3.36 -18.26 19.66
N VAL B 121 -3.02 -19.33 20.37
CA VAL B 121 -3.79 -19.81 21.52
C VAL B 121 -3.31 -19.08 22.78
N PRO B 122 -4.22 -18.39 23.50
CA PRO B 122 -3.83 -17.75 24.76
C PRO B 122 -3.28 -18.76 25.77
N GLN B 123 -2.15 -18.42 26.40
CA GLN B 123 -1.54 -19.26 27.42
C GLN B 123 -2.03 -18.97 28.82
N PHE B 124 -2.60 -17.79 29.00
CA PHE B 124 -3.19 -17.36 30.27
C PHE B 124 -4.06 -16.15 29.99
N ASP B 125 -4.91 -15.80 30.95
CA ASP B 125 -5.81 -14.66 30.80
C ASP B 125 -5.04 -13.35 30.89
N LEU B 126 -5.48 -12.34 30.14
CA LEU B 126 -4.90 -11.00 30.22
C LEU B 126 -4.77 -10.60 31.68
N LYS B 127 -3.60 -10.10 32.07
CA LYS B 127 -3.38 -9.75 33.46
C LYS B 127 -2.61 -8.46 33.62
N GLU B 128 -2.82 -7.81 34.74
CA GLU B 128 -2.11 -6.58 35.07
C GLU B 128 -0.73 -6.93 35.59
N VAL B 129 0.31 -6.36 34.98
CA VAL B 129 1.70 -6.62 35.37
C VAL B 129 2.48 -5.36 35.72
N GLY B 130 1.80 -4.24 35.91
CA GLY B 130 2.50 -3.01 36.26
C GLY B 130 1.64 -1.77 36.18
N THR B 131 2.25 -0.66 36.56
CA THR B 131 1.64 0.66 36.53
C THR B 131 2.45 1.47 35.53
N THR B 132 1.77 2.38 34.84
CA THR B 132 2.42 3.18 33.81
C THR B 132 1.81 4.58 33.74
N ASP B 133 2.61 5.53 33.26
CA ASP B 133 2.15 6.90 32.97
C ASP B 133 2.13 7.17 31.46
N LYS B 134 2.30 6.12 30.67
CA LYS B 134 2.31 6.18 29.20
C LYS B 134 1.14 5.41 28.66
N THR B 135 0.86 5.62 27.37
CA THR B 135 -0.09 4.78 26.65
C THR B 135 0.57 4.23 25.41
N GLY B 136 0.14 3.05 25.00
CA GLY B 136 0.66 2.44 23.79
C GLY B 136 0.57 0.93 23.82
N THR B 137 1.13 0.31 22.78
CA THR B 137 1.08 -1.13 22.59
C THR B 137 2.47 -1.64 22.24
N VAL B 138 2.84 -2.74 22.87
CA VAL B 138 4.05 -3.50 22.54
C VAL B 138 3.59 -4.88 22.08
N ILE B 139 3.99 -5.29 20.88
CA ILE B 139 3.77 -6.65 20.37
C ILE B 139 5.12 -7.27 20.08
N ARG B 140 5.38 -8.45 20.61
CA ARG B 140 6.60 -9.21 20.31
C ARG B 140 6.18 -10.55 19.76
N PHE B 141 6.77 -11.01 18.66
CA PHE B 141 6.42 -12.34 18.11
C PHE B 141 7.61 -13.06 17.52
N LYS B 142 7.58 -14.39 17.62
CA LYS B 142 8.57 -15.26 16.99
C LYS B 142 7.83 -16.11 15.97
N ALA B 143 8.16 -15.91 14.69
CA ALA B 143 7.56 -16.64 13.58
C ALA B 143 7.71 -18.15 13.77
N ASP B 144 6.69 -18.90 13.34
CA ASP B 144 6.69 -20.35 13.50
C ASP B 144 7.55 -20.99 12.42
N GLY B 145 8.66 -21.60 12.84
CA GLY B 145 9.56 -22.32 11.96
C GLY B 145 8.92 -23.51 11.25
N GLU B 146 7.84 -24.05 11.81
CA GLU B 146 7.03 -25.09 11.14
C GLU B 146 6.31 -24.58 9.91
N ILE B 147 6.00 -23.28 9.90
CA ILE B 147 5.37 -22.61 8.77
C ILE B 147 6.44 -22.05 7.83
N PHE B 148 7.37 -21.30 8.41
CA PHE B 148 8.44 -20.63 7.67
C PHE B 148 9.69 -21.51 7.67
N THR B 149 9.66 -22.52 6.81
CA THR B 149 10.68 -23.57 6.77
C THR B 149 11.95 -23.14 6.01
N GLU B 150 11.80 -22.24 5.04
CA GLU B 150 12.95 -21.78 4.24
C GLU B 150 13.89 -20.91 5.08
N THR B 151 13.33 -19.90 5.75
CA THR B 151 14.10 -19.06 6.66
C THR B 151 13.21 -18.40 7.72
N THR B 152 13.77 -18.25 8.90
CA THR B 152 13.18 -17.42 9.96
C THR B 152 14.12 -16.26 10.33
N VAL B 153 15.11 -15.98 9.48
CA VAL B 153 16.09 -14.92 9.71
C VAL B 153 15.66 -13.67 8.96
N TYR B 154 15.48 -12.57 9.68
CA TYR B 154 15.15 -11.28 9.06
C TYR B 154 16.38 -10.63 8.43
N ASN B 155 16.14 -9.88 7.36
CA ASN B 155 17.15 -9.08 6.70
C ASN B 155 16.95 -7.61 7.05
N TYR B 156 17.97 -7.01 7.65
CA TYR B 156 17.88 -5.64 8.13
C TYR B 156 17.56 -4.66 7.01
N GLU B 157 18.21 -4.84 5.85
CA GLU B 157 18.02 -3.88 4.75
C GLU B 157 16.61 -3.94 4.19
N THR B 158 16.04 -5.14 4.13
CA THR B 158 14.65 -5.28 3.71
C THR B 158 13.71 -4.49 4.62
N LEU B 159 13.91 -4.63 5.93
CA LEU B 159 13.09 -3.90 6.90
C LEU B 159 13.36 -2.39 6.83
N GLN B 160 14.63 -2.03 6.72
CA GLN B 160 15.05 -0.62 6.66
C GLN B 160 14.44 0.12 5.48
N GLN B 161 14.50 -0.48 4.29
CA GLN B 161 13.99 0.15 3.08
C GLN B 161 12.49 0.45 3.21
N ARG B 162 11.71 -0.52 3.71
CA ARG B 162 10.27 -0.32 3.87
C ARG B 162 9.94 0.67 5.00
N ILE B 163 10.66 0.61 6.10
CA ILE B 163 10.44 1.56 7.19
C ILE B 163 10.69 3.01 6.74
N ARG B 164 11.74 3.23 5.95
CA ARG B 164 12.00 4.55 5.39
C ARG B 164 10.81 5.02 4.53
N GLU B 165 10.31 4.14 3.67
CA GLU B 165 9.15 4.43 2.81
C GLU B 165 7.91 4.77 3.63
N LEU B 166 7.67 4.01 4.70
CA LEU B 166 6.53 4.27 5.56
C LEU B 166 6.63 5.61 6.28
N ALA B 167 7.84 5.94 6.74
CA ALA B 167 8.06 7.23 7.38
C ALA B 167 7.84 8.39 6.40
N PHE B 168 8.24 8.20 5.15
CA PHE B 168 8.03 9.22 4.12
C PHE B 168 6.56 9.39 3.74
N LEU B 169 5.81 8.28 3.73
CA LEU B 169 4.33 8.32 3.59
C LEU B 169 3.62 8.97 4.77
N ASN B 170 4.23 8.91 5.96
CA ASN B 170 3.62 9.38 7.19
C ASN B 170 4.52 10.38 7.88
N LYS B 171 4.63 11.55 7.26
CA LYS B 171 5.56 12.56 7.74
C LYS B 171 5.16 13.02 9.13
N GLY B 172 6.17 13.28 9.97
CA GLY B 172 5.95 13.61 11.37
C GLY B 172 5.81 12.42 12.29
N ILE B 173 5.75 11.20 11.75
CA ILE B 173 5.77 9.99 12.58
C ILE B 173 7.20 9.50 12.60
N GLN B 174 7.77 9.34 13.79
CA GLN B 174 9.12 8.82 13.94
C GLN B 174 9.05 7.30 13.91
N ILE B 175 9.77 6.69 12.98
CA ILE B 175 9.80 5.24 12.86
C ILE B 175 11.26 4.81 12.97
N THR B 176 11.54 3.98 13.97
CA THR B 176 12.89 3.50 14.27
C THR B 176 13.00 1.99 14.02
N LEU B 177 14.14 1.57 13.49
CA LEU B 177 14.51 0.17 13.33
C LEU B 177 15.78 -0.09 14.11
N ARG B 178 15.83 -1.20 14.85
CA ARG B 178 17.03 -1.58 15.60
C ARG B 178 17.26 -3.06 15.49
N ASP B 179 18.51 -3.46 15.26
CA ASP B 179 18.93 -4.86 15.28
C ASP B 179 19.68 -5.13 16.57
N GLU B 180 19.15 -6.00 17.42
CA GLU B 180 19.80 -6.41 18.67
C GLU B 180 20.26 -7.87 18.66
N ARG B 181 20.21 -8.52 17.50
CA ARG B 181 20.60 -9.92 17.42
C ARG B 181 22.08 -10.14 17.74
N ASP B 182 22.93 -9.19 17.36
CA ASP B 182 24.35 -9.22 17.71
C ASP B 182 24.49 -8.23 18.87
N GLU B 183 24.46 -8.77 20.08
CA GLU B 183 24.39 -7.95 21.30
C GLU B 183 25.56 -6.98 21.49
N GLU B 184 26.73 -7.36 20.99
CA GLU B 184 27.94 -6.53 21.08
C GLU B 184 28.01 -5.45 20.01
N ASN B 185 27.16 -5.54 18.98
CA ASN B 185 27.21 -4.66 17.81
C ASN B 185 25.77 -4.33 17.38
N VAL B 186 25.16 -3.38 18.09
CA VAL B 186 23.75 -3.01 17.88
C VAL B 186 23.67 -1.89 16.86
N ARG B 187 22.71 -1.98 15.94
CA ARG B 187 22.56 -1.05 14.81
C ARG B 187 21.17 -0.46 14.86
N GLU B 188 21.06 0.86 14.65
CA GLU B 188 19.75 1.52 14.62
C GLU B 188 19.69 2.58 13.52
N ASP B 189 18.52 2.69 12.90
CA ASP B 189 18.19 3.81 12.00
C ASP B 189 16.86 4.37 12.42
N SER B 190 16.74 5.69 12.47
CA SER B 190 15.50 6.36 12.84
C SER B 190 15.13 7.39 11.79
N TYR B 191 13.90 7.30 11.30
CA TYR B 191 13.38 8.14 10.23
C TYR B 191 12.29 9.04 10.76
N HIS B 192 12.34 10.32 10.42
CA HIS B 192 11.40 11.31 10.97
C HIS B 192 11.37 12.47 10.01
N TYR B 193 10.54 12.36 8.99
CA TYR B 193 10.48 13.39 7.96
C TYR B 193 9.65 14.58 8.44
N GLU B 194 10.09 15.78 8.09
CA GLU B 194 9.40 17.00 8.54
C GLU B 194 8.03 17.11 7.91
NAF AX7 C . -7.46 10.79 -13.28
CAI AX7 C . -8.31 9.71 -13.48
CAD AX7 C . -8.06 8.47 -14.07
CAB AX7 C . -9.10 7.54 -14.14
CAC AX7 C . -10.36 7.85 -13.62
CAE AX7 C . -10.62 9.07 -13.05
CAJ AX7 C . -9.58 10.00 -12.97
NAG AX7 C . -9.51 11.29 -12.47
CAH AX7 C . -8.23 11.71 -12.68
NAA AX7 C . -7.80 12.92 -12.29
MG MG D . -12.23 10.10 -19.53
NAF AX7 E . -3.06 -2.26 17.39
CAI AX7 E . -2.99 -3.59 16.99
CAD AX7 E . -4.00 -4.53 16.80
CAB AX7 E . -3.67 -5.81 16.39
CAC AX7 E . -2.34 -6.16 16.16
CAE AX7 E . -1.32 -5.23 16.35
CAJ AX7 E . -1.66 -3.95 16.76
NAG AX7 E . -0.91 -2.83 17.04
CAH AX7 E . -1.77 -1.85 17.40
NAA AX7 E . -1.36 -0.62 17.71
MG MG F . -4.16 -4.27 9.88
#